data_7XEN
#
_entry.id   7XEN
#
_cell.length_a   94.200
_cell.length_b   94.200
_cell.length_c   133.200
_cell.angle_alpha   90.000
_cell.angle_beta   90.000
_cell.angle_gamma   120.000
#
_symmetry.space_group_name_H-M   'P 31 2 1'
#
loop_
_entity.id
_entity.type
_entity.pdbx_description
1 polymer 'Cysteine desulfurase SufS'
2 non-polymer '(2~{R})-3-methyl-2-[(~{E})-[2-methyl-3-oxidanyl-5-(phosphonooxymethyl)pyridin-4-yl]methylideneamino]-3-sulfanyl-butanoic acid'
3 water water
#
_entity_poly.entity_id   1
_entity_poly.type   'polypeptide(L)'
_entity_poly.pdbx_seq_one_letter_code
;MGHMNITDIREQFPILHQQVNGHDLVYLDSAATSQKPRAVIETLDKYYNQYNSNVHRGVHTLGTRATDGYEGAREKVRKF
INAKSMAEIIFTKGTTTSLNMVALSYARANLKPGDEVVITYMEHHANIIPWQQAVKATGATLKYIPLQEDGTISLEDVRE
TVTSNTKIVAVSHVSNVLGTVNPIKEMAKIAHDNGAVIVVDGAQSTPHMKIDVQDLDCDFFALSSHKMCGPTGVGVLYGK
KALLENMEPAEFGGEMIDFVGLYESTWKELPWKFEAGTPIIAGAIGLGAAIDFLEEIGLDEISRHEHKLAAYALERFRQL
DGVTVYGPEERAGLVTFNLDDVHPHDVATVLDAEGIAVRAGHHCAQPLMKWLDVTATARASFYLYNTEEEIDKLVEALQK
TKEYFTNVFVDLEHHHHHH
;
_entity_poly.pdbx_strand_id   A
#
loop_
_chem_comp.id
_chem_comp.type
_chem_comp.name
_chem_comp.formula
9ZN non-polymer '(2~{R})-3-methyl-2-[(~{E})-[2-methyl-3-oxidanyl-5-(phosphonooxymethyl)pyridin-4-yl]methylideneamino]-3-sulfanyl-butanoic acid' 'C13 H19 N2 O7 P S'
#
# COMPACT_ATOMS: atom_id res chain seq x y z
N MET A 4 -7.98 -15.34 17.76
CA MET A 4 -6.69 -15.33 16.97
C MET A 4 -5.49 -15.51 17.89
N ASN A 5 -4.75 -16.61 17.71
CA ASN A 5 -3.67 -16.95 18.64
C ASN A 5 -2.27 -16.64 18.08
N ILE A 6 -1.54 -15.71 18.73
CA ILE A 6 -0.31 -15.13 18.22
C ILE A 6 0.79 -16.18 18.19
N THR A 7 0.78 -17.18 19.08
CA THR A 7 1.81 -18.20 19.05
C THR A 7 1.70 -19.04 17.78
N ASP A 8 0.45 -19.48 17.54
CA ASP A 8 0.08 -20.29 16.39
C ASP A 8 0.45 -19.60 15.08
N ILE A 9 0.11 -18.31 15.00
CA ILE A 9 0.46 -17.44 13.89
C ILE A 9 1.98 -17.32 13.72
N ARG A 10 2.70 -17.05 14.81
CA ARG A 10 4.14 -16.84 14.72
C ARG A 10 4.87 -18.12 14.28
N GLU A 11 4.30 -19.28 14.59
CA GLU A 11 4.91 -20.56 14.27
C GLU A 11 4.97 -20.72 12.76
N GLN A 12 4.11 -19.95 12.08
CA GLN A 12 3.92 -20.03 10.64
C GLN A 12 4.98 -19.24 9.87
N PHE A 13 5.71 -18.33 10.56
CA PHE A 13 6.69 -17.54 9.86
C PHE A 13 8.10 -17.96 10.26
N PRO A 14 8.72 -18.92 9.54
CA PRO A 14 10.06 -19.38 9.91
C PRO A 14 11.06 -18.25 10.14
N ILE A 15 10.89 -17.11 9.46
CA ILE A 15 11.87 -16.03 9.56
C ILE A 15 11.90 -15.41 10.97
N LEU A 16 10.79 -15.48 11.74
CA LEU A 16 10.74 -14.94 13.09
C LEU A 16 11.66 -15.74 14.06
N HIS A 17 12.18 -16.91 13.67
CA HIS A 17 13.01 -17.72 14.58
C HIS A 17 14.48 -17.36 14.40
N GLN A 18 14.75 -16.49 13.40
CA GLN A 18 16.07 -15.98 13.08
C GLN A 18 16.66 -15.14 14.23
N GLN A 19 17.88 -15.51 14.64
CA GLN A 19 18.73 -14.75 15.56
C GLN A 19 19.42 -13.63 14.79
N VAL A 20 19.50 -12.41 15.35
CA VAL A 20 20.34 -11.39 14.75
C VAL A 20 21.30 -10.91 15.82
N ASN A 21 22.60 -11.29 15.73
CA ASN A 21 23.57 -10.74 16.67
C ASN A 21 23.23 -11.23 18.09
N GLY A 22 22.93 -12.54 18.21
CA GLY A 22 22.55 -13.20 19.45
C GLY A 22 21.19 -12.79 20.04
N HIS A 23 20.44 -11.87 19.39
CA HIS A 23 19.07 -11.56 19.80
C HIS A 23 18.04 -12.15 18.84
N ASP A 24 16.81 -12.34 19.36
CA ASP A 24 15.64 -12.68 18.55
C ASP A 24 15.28 -11.54 17.59
N LEU A 25 15.06 -11.88 16.30
CA LEU A 25 14.58 -10.89 15.33
C LEU A 25 13.35 -10.18 15.92
N VAL A 26 13.38 -8.84 16.02
CA VAL A 26 12.16 -8.07 16.26
C VAL A 26 11.87 -7.25 15.00
N TYR A 27 10.89 -7.75 14.20
CA TYR A 27 10.70 -7.29 12.82
C TYR A 27 9.53 -6.30 12.76
N LEU A 28 9.87 -5.02 12.57
CA LEU A 28 8.91 -3.93 12.64
C LEU A 28 8.97 -3.07 11.38
N ASP A 29 9.12 -3.77 10.20
CA ASP A 29 9.13 -3.12 8.90
C ASP A 29 8.14 -3.74 7.88
N SER A 30 7.03 -4.29 8.35
CA SER A 30 5.96 -4.88 7.58
C SER A 30 5.40 -3.90 6.57
N ALA A 31 5.42 -2.60 6.87
CA ALA A 31 4.88 -1.65 5.92
C ALA A 31 5.72 -1.65 4.65
N ALA A 32 6.93 -2.17 4.73
CA ALA A 32 7.78 -2.18 3.55
C ALA A 32 7.59 -3.52 2.88
N THR A 33 7.75 -4.63 3.64
CA THR A 33 7.48 -5.96 3.14
C THR A 33 6.99 -6.88 4.26
N SER A 34 5.81 -7.52 4.14
CA SER A 34 5.44 -8.46 5.21
C SER A 34 6.35 -9.69 5.26
N GLN A 35 6.28 -10.51 6.29
CA GLN A 35 7.03 -11.73 5.91
C GLN A 35 6.01 -12.70 5.29
N LYS A 36 6.42 -13.91 4.89
CA LYS A 36 5.48 -14.83 4.25
C LYS A 36 5.31 -16.06 5.13
N PRO A 37 4.12 -16.64 5.34
CA PRO A 37 4.02 -17.90 6.10
C PRO A 37 4.38 -19.14 5.27
N ARG A 38 4.58 -20.24 5.97
CA ARG A 38 4.88 -21.57 5.43
C ARG A 38 3.93 -21.91 4.27
N ALA A 39 2.62 -21.64 4.38
CA ALA A 39 1.73 -22.05 3.31
C ALA A 39 2.12 -21.32 2.02
N VAL A 40 2.45 -20.03 2.14
CA VAL A 40 2.80 -19.27 0.95
C VAL A 40 4.14 -19.76 0.40
N ILE A 41 5.09 -19.99 1.31
CA ILE A 41 6.44 -20.35 0.94
C ILE A 41 6.42 -21.67 0.14
N GLU A 42 5.67 -22.65 0.65
CA GLU A 42 5.55 -23.94 0.01
C GLU A 42 4.95 -23.83 -1.38
N THR A 43 3.82 -23.09 -1.48
CA THR A 43 3.29 -22.71 -2.78
C THR A 43 4.33 -22.15 -3.75
N LEU A 44 5.16 -21.17 -3.33
CA LEU A 44 6.07 -20.65 -4.34
C LEU A 44 7.18 -21.64 -4.64
N ASP A 45 7.57 -22.50 -3.67
CA ASP A 45 8.55 -23.55 -3.92
C ASP A 45 8.01 -24.45 -5.03
N LYS A 46 6.74 -24.89 -4.90
CA LYS A 46 6.09 -25.75 -5.88
C LYS A 46 6.27 -25.19 -7.31
N TYR A 47 6.17 -23.87 -7.54
CA TYR A 47 6.21 -23.34 -8.90
C TYR A 47 7.63 -22.95 -9.27
N TYR A 48 8.63 -23.62 -8.68
CA TYR A 48 10.04 -23.57 -9.06
C TYR A 48 10.65 -24.97 -8.92
N ASN A 49 9.82 -25.95 -9.37
CA ASN A 49 10.05 -27.31 -9.86
C ASN A 49 9.16 -27.52 -11.13
N GLN A 50 8.88 -28.76 -11.65
CA GLN A 50 8.23 -28.85 -12.98
C GLN A 50 6.70 -29.06 -12.92
N TYR A 51 5.95 -28.42 -13.84
CA TYR A 51 4.54 -28.02 -13.81
C TYR A 51 3.78 -28.46 -15.09
N ASN A 52 2.59 -27.87 -15.40
CA ASN A 52 1.74 -28.20 -16.54
C ASN A 52 2.61 -28.40 -17.80
N ALA A 66 -1.43 -25.20 -14.25
CA ALA A 66 -0.72 -23.89 -14.21
C ALA A 66 -1.70 -22.71 -14.36
N THR A 67 -2.53 -22.71 -15.43
CA THR A 67 -3.42 -21.58 -15.75
C THR A 67 -4.83 -21.76 -15.17
N ASP A 68 -5.15 -23.00 -14.75
CA ASP A 68 -6.22 -23.23 -13.77
C ASP A 68 -5.91 -22.38 -12.52
N GLY A 69 -4.67 -22.55 -12.00
CA GLY A 69 -4.09 -21.82 -10.89
C GLY A 69 -4.09 -20.30 -11.11
N TYR A 70 -3.54 -19.84 -12.26
CA TYR A 70 -3.52 -18.41 -12.59
C TYR A 70 -4.91 -17.74 -12.57
N GLU A 71 -5.82 -18.22 -13.38
CA GLU A 71 -7.15 -17.64 -13.40
C GLU A 71 -7.85 -17.90 -12.05
N GLY A 72 -7.56 -19.04 -11.41
CA GLY A 72 -8.12 -19.32 -10.10
C GLY A 72 -7.71 -18.24 -9.10
N ALA A 73 -6.44 -17.78 -9.21
CA ALA A 73 -5.93 -16.77 -8.31
C ALA A 73 -6.66 -15.46 -8.63
N ARG A 74 -6.80 -15.08 -9.89
CA ARG A 74 -7.63 -13.91 -10.20
C ARG A 74 -8.99 -14.03 -9.53
N GLU A 75 -9.59 -15.22 -9.53
CA GLU A 75 -10.93 -15.29 -8.95
C GLU A 75 -10.86 -15.04 -7.43
N LYS A 76 -9.87 -15.65 -6.78
CA LYS A 76 -9.68 -15.43 -5.35
C LYS A 76 -9.44 -13.94 -5.05
N VAL A 77 -8.65 -13.23 -5.90
CA VAL A 77 -8.45 -11.80 -5.71
C VAL A 77 -9.77 -11.05 -5.85
N ARG A 78 -10.55 -11.38 -6.89
CA ARG A 78 -11.82 -10.71 -7.10
C ARG A 78 -12.73 -10.89 -5.89
N LYS A 79 -12.84 -12.12 -5.36
CA LYS A 79 -13.75 -12.33 -4.24
C LYS A 79 -13.24 -11.56 -3.02
N PHE A 80 -11.90 -11.59 -2.85
CA PHE A 80 -11.20 -10.94 -1.74
C PHE A 80 -11.58 -9.46 -1.58
N ILE A 81 -11.56 -8.62 -2.65
CA ILE A 81 -11.84 -7.19 -2.56
C ILE A 81 -13.26 -6.91 -3.03
N ASN A 82 -13.97 -8.00 -3.37
CA ASN A 82 -15.39 -7.94 -3.68
C ASN A 82 -15.68 -7.15 -4.96
N ALA A 83 -14.79 -7.25 -5.95
CA ALA A 83 -15.04 -6.81 -7.33
C ALA A 83 -16.19 -7.61 -7.94
N LYS A 84 -16.93 -6.99 -8.89
CA LYS A 84 -18.05 -7.63 -9.56
C LYS A 84 -17.53 -8.69 -10.53
N SER A 85 -16.38 -8.42 -11.16
CA SER A 85 -15.97 -9.35 -12.23
C SER A 85 -14.45 -9.49 -12.33
N MET A 86 -13.99 -10.67 -12.76
CA MET A 86 -12.58 -10.92 -13.05
C MET A 86 -12.07 -9.98 -14.12
N ALA A 87 -12.99 -9.39 -14.85
CA ALA A 87 -12.59 -8.51 -15.94
C ALA A 87 -11.97 -7.26 -15.31
N GLU A 88 -12.26 -7.05 -14.03
CA GLU A 88 -11.84 -5.88 -13.31
C GLU A 88 -10.58 -6.10 -12.46
N ILE A 89 -9.91 -7.26 -12.54
CA ILE A 89 -8.74 -7.58 -11.72
C ILE A 89 -7.59 -7.78 -12.67
N ILE A 90 -6.67 -6.81 -12.68
CA ILE A 90 -5.50 -6.93 -13.56
C ILE A 90 -4.24 -7.20 -12.73
N PHE A 91 -3.40 -8.15 -13.13
CA PHE A 91 -2.12 -8.34 -12.45
C PHE A 91 -1.12 -7.41 -13.10
N THR A 92 -0.30 -6.80 -12.24
CA THR A 92 0.70 -5.82 -12.66
C THR A 92 1.99 -6.11 -11.93
N LYS A 93 3.01 -5.28 -12.17
CA LYS A 93 4.32 -5.47 -11.57
C LYS A 93 4.34 -4.95 -10.13
N GLY A 94 3.29 -4.20 -9.72
CA GLY A 94 3.35 -3.50 -8.43
C GLY A 94 2.44 -2.27 -8.39
N THR A 95 2.20 -1.74 -7.18
CA THR A 95 1.29 -0.61 -7.06
C THR A 95 1.85 0.60 -7.85
N THR A 96 3.17 0.80 -7.84
CA THR A 96 3.73 1.85 -8.67
C THR A 96 3.30 1.60 -10.12
N THR A 97 3.44 0.38 -10.62
CA THR A 97 3.09 0.22 -12.02
C THR A 97 1.61 0.49 -12.22
N SER A 98 0.77 -0.04 -11.33
CA SER A 98 -0.65 0.18 -11.36
C SER A 98 -1.03 1.65 -11.50
N LEU A 99 -0.40 2.50 -10.66
CA LEU A 99 -0.82 3.90 -10.64
C LEU A 99 -0.37 4.60 -11.95
N ASN A 100 0.88 4.35 -12.38
CA ASN A 100 1.36 4.77 -13.69
C ASN A 100 0.40 4.36 -14.80
N MET A 101 -0.20 3.17 -14.71
CA MET A 101 -1.09 2.68 -15.77
C MET A 101 -2.34 3.58 -15.81
N VAL A 102 -2.90 3.84 -14.63
CA VAL A 102 -4.11 4.64 -14.63
C VAL A 102 -3.75 6.05 -15.14
N ALA A 103 -2.56 6.58 -14.77
CA ALA A 103 -2.22 7.91 -15.20
C ALA A 103 -2.07 7.95 -16.73
N LEU A 104 -1.54 6.88 -17.33
CA LEU A 104 -1.29 6.88 -18.77
C LEU A 104 -2.52 6.52 -19.60
N SER A 105 -3.28 5.47 -19.26
CA SER A 105 -4.45 5.03 -20.02
C SER A 105 -5.70 5.76 -19.60
N TYR A 106 -5.80 6.19 -18.33
CA TYR A 106 -6.99 6.92 -17.99
C TYR A 106 -6.73 8.43 -18.04
N ALA A 107 -5.82 8.95 -17.20
CA ALA A 107 -5.62 10.39 -17.04
C ALA A 107 -5.25 11.06 -18.36
N ARG A 108 -4.24 10.57 -19.10
CA ARG A 108 -3.81 11.28 -20.29
C ARG A 108 -4.88 11.33 -21.37
N ALA A 109 -5.97 10.58 -21.22
CA ALA A 109 -6.93 10.54 -22.30
C ALA A 109 -8.22 11.24 -21.89
N ASN A 110 -8.23 11.92 -20.75
CA ASN A 110 -9.49 12.39 -20.21
C ASN A 110 -9.27 13.75 -19.54
N LEU A 111 -8.12 14.35 -19.84
CA LEU A 111 -7.85 15.66 -19.28
C LEU A 111 -7.62 16.61 -20.43
N LYS A 112 -8.17 17.83 -20.30
CA LYS A 112 -8.08 18.91 -21.27
C LYS A 112 -7.78 20.16 -20.47
N PRO A 113 -7.22 21.25 -21.06
CA PRO A 113 -6.97 22.47 -20.27
C PRO A 113 -8.22 22.88 -19.48
N GLY A 114 -8.05 23.31 -18.23
CA GLY A 114 -9.20 23.58 -17.38
C GLY A 114 -9.59 22.44 -16.43
N ASP A 115 -9.29 21.19 -16.82
CA ASP A 115 -9.57 20.02 -15.99
C ASP A 115 -8.66 19.99 -14.76
N GLU A 116 -9.22 19.59 -13.62
CA GLU A 116 -8.34 19.46 -12.46
C GLU A 116 -8.12 18.01 -12.02
N VAL A 117 -6.90 17.73 -11.53
CA VAL A 117 -6.70 16.52 -10.76
C VAL A 117 -6.25 16.87 -9.36
N VAL A 118 -6.92 16.28 -8.37
CA VAL A 118 -6.62 16.62 -7.01
C VAL A 118 -6.13 15.38 -6.25
N ILE A 119 -5.05 15.62 -5.50
CA ILE A 119 -4.41 14.64 -4.65
C ILE A 119 -4.23 15.24 -3.25
N THR A 120 -3.46 14.57 -2.40
CA THR A 120 -3.24 15.04 -1.05
C THR A 120 -1.74 15.29 -0.88
N TYR A 121 -1.37 15.90 0.25
CA TYR A 121 0.04 16.11 0.59
C TYR A 121 0.71 14.87 1.19
N MET A 122 -0.09 13.85 1.51
CA MET A 122 0.48 12.68 2.16
C MET A 122 0.90 11.58 1.17
N GLU A 123 0.90 11.88 -0.11
CA GLU A 123 1.02 10.79 -1.09
C GLU A 123 2.45 10.29 -1.23
N HIS A 124 2.58 8.98 -1.44
CA HIS A 124 3.69 8.28 -2.05
C HIS A 124 4.08 9.04 -3.36
N HIS A 125 5.38 9.16 -3.70
CA HIS A 125 5.77 9.62 -5.05
C HIS A 125 4.99 8.97 -6.22
N ALA A 126 4.74 7.68 -6.18
CA ALA A 126 4.06 7.05 -7.31
C ALA A 126 2.60 7.49 -7.37
N ASN A 127 2.12 8.21 -6.35
CA ASN A 127 0.76 8.72 -6.42
C ASN A 127 0.80 10.25 -6.53
N ILE A 128 1.98 10.80 -6.90
CA ILE A 128 2.14 12.24 -7.13
C ILE A 128 2.60 12.45 -8.57
N ILE A 129 3.79 11.92 -8.91
CA ILE A 129 4.48 12.30 -10.12
C ILE A 129 3.73 11.88 -11.38
N PRO A 130 3.14 10.69 -11.45
CA PRO A 130 2.39 10.29 -12.64
C PRO A 130 1.25 11.28 -12.91
N TRP A 131 0.57 11.78 -11.85
CA TRP A 131 -0.43 12.83 -12.06
C TRP A 131 0.20 14.14 -12.53
N GLN A 132 1.35 14.55 -11.99
CA GLN A 132 2.10 15.70 -12.50
C GLN A 132 2.35 15.60 -14.00
N GLN A 133 2.85 14.44 -14.46
CA GLN A 133 3.16 14.28 -15.87
C GLN A 133 1.90 14.24 -16.70
N ALA A 134 0.84 13.64 -16.16
CA ALA A 134 -0.40 13.57 -16.91
C ALA A 134 -0.96 14.99 -17.12
N VAL A 135 -0.84 15.83 -16.10
CA VAL A 135 -1.33 17.20 -16.15
C VAL A 135 -0.42 17.98 -17.10
N LYS A 136 0.91 17.81 -17.04
CA LYS A 136 1.75 18.63 -17.92
C LYS A 136 1.38 18.32 -19.36
N ALA A 137 1.29 17.03 -19.67
CA ALA A 137 1.04 16.60 -21.04
C ALA A 137 -0.34 17.02 -21.55
N THR A 138 -1.34 17.19 -20.67
CA THR A 138 -2.64 17.47 -21.23
C THR A 138 -2.98 18.97 -21.10
N GLY A 139 -2.01 19.72 -20.55
CA GLY A 139 -2.16 21.08 -20.07
C GLY A 139 -3.26 21.29 -19.03
N ALA A 140 -3.59 20.29 -18.21
CA ALA A 140 -4.55 20.55 -17.14
C ALA A 140 -3.79 21.02 -15.92
N THR A 141 -4.49 21.04 -14.76
CA THR A 141 -3.92 21.56 -13.53
C THR A 141 -4.05 20.56 -12.38
N LEU A 142 -2.99 20.51 -11.55
CA LEU A 142 -2.92 19.69 -10.34
C LEU A 142 -3.19 20.51 -9.08
N LYS A 143 -3.97 19.93 -8.16
CA LYS A 143 -4.40 20.60 -6.94
C LYS A 143 -4.27 19.68 -5.72
N TYR A 144 -4.03 20.30 -4.54
CA TYR A 144 -3.81 19.55 -3.32
C TYR A 144 -4.84 19.91 -2.26
N ILE A 145 -5.55 18.90 -1.75
CA ILE A 145 -6.31 19.01 -0.52
C ILE A 145 -5.34 19.29 0.63
N PRO A 146 -5.55 20.38 1.41
CA PRO A 146 -4.65 20.69 2.51
C PRO A 146 -4.85 19.69 3.63
N LEU A 147 -3.83 19.56 4.49
CA LEU A 147 -3.87 18.65 5.63
C LEU A 147 -4.23 19.44 6.88
N GLN A 148 -4.98 18.81 7.82
CA GLN A 148 -5.09 19.21 9.21
C GLN A 148 -3.75 19.06 9.92
N GLU A 149 -3.69 19.69 11.10
CA GLU A 149 -2.58 19.69 12.02
C GLU A 149 -2.13 18.28 12.37
N ASP A 150 -3.10 17.36 12.52
CA ASP A 150 -2.80 16.03 13.02
C ASP A 150 -2.53 15.06 11.86
N GLY A 151 -2.50 15.58 10.61
CA GLY A 151 -2.20 14.78 9.45
C GLY A 151 -3.44 14.07 8.89
N THR A 152 -4.64 14.61 9.14
CA THR A 152 -5.84 14.01 8.59
C THR A 152 -6.42 14.90 7.49
N ILE A 153 -7.34 14.37 6.69
CA ILE A 153 -8.02 15.20 5.73
C ILE A 153 -9.37 15.49 6.37
N SER A 154 -9.96 16.64 6.04
CA SER A 154 -11.35 16.78 6.47
C SER A 154 -12.23 16.83 5.24
N LEU A 155 -13.43 16.26 5.37
CA LEU A 155 -14.38 16.24 4.27
C LEU A 155 -14.71 17.65 3.77
N GLU A 156 -14.61 18.65 4.66
CA GLU A 156 -14.79 20.05 4.28
C GLU A 156 -13.75 20.46 3.23
N ASP A 157 -12.50 20.18 3.59
CA ASP A 157 -11.35 20.44 2.73
C ASP A 157 -11.53 19.74 1.37
N VAL A 158 -12.02 18.50 1.35
CA VAL A 158 -12.12 17.90 0.03
C VAL A 158 -13.23 18.58 -0.78
N ARG A 159 -14.34 18.87 -0.07
CA ARG A 159 -15.53 19.52 -0.63
C ARG A 159 -15.20 20.85 -1.32
N GLU A 160 -14.39 21.65 -0.63
CA GLU A 160 -13.77 22.87 -1.11
C GLU A 160 -12.79 22.62 -2.25
N THR A 161 -11.96 21.57 -2.23
CA THR A 161 -10.90 21.44 -3.21
C THR A 161 -11.44 20.84 -4.51
N VAL A 162 -12.45 19.98 -4.38
CA VAL A 162 -13.03 19.46 -5.61
C VAL A 162 -14.05 20.46 -6.14
N THR A 163 -13.80 20.89 -7.37
CA THR A 163 -14.63 21.70 -8.26
C THR A 163 -15.37 20.78 -9.22
N SER A 164 -16.42 21.29 -9.87
CA SER A 164 -16.97 20.50 -10.95
C SER A 164 -16.06 20.57 -12.18
N ASN A 165 -14.79 20.96 -11.99
CA ASN A 165 -13.71 20.86 -12.98
C ASN A 165 -12.77 19.69 -12.70
N THR A 166 -12.93 19.10 -11.50
CA THR A 166 -12.14 17.96 -11.11
C THR A 166 -12.57 16.72 -11.89
N LYS A 167 -11.62 16.10 -12.60
CA LYS A 167 -11.88 14.88 -13.33
C LYS A 167 -11.37 13.65 -12.57
N ILE A 168 -10.29 13.81 -11.78
CA ILE A 168 -9.66 12.70 -11.04
C ILE A 168 -9.29 13.22 -9.65
N VAL A 169 -9.73 12.50 -8.60
CA VAL A 169 -9.14 12.55 -7.27
C VAL A 169 -8.29 11.29 -7.01
N ALA A 170 -7.06 11.45 -6.49
CA ALA A 170 -6.20 10.32 -6.14
C ALA A 170 -5.75 10.39 -4.68
N VAL A 171 -5.89 9.31 -3.92
CA VAL A 171 -5.63 9.39 -2.49
C VAL A 171 -5.11 8.04 -1.96
N SER A 172 -4.17 8.06 -1.00
CA SER A 172 -3.78 6.88 -0.26
C SER A 172 -4.94 6.47 0.64
N HIS A 173 -5.27 5.18 0.68
CA HIS A 173 -6.29 4.74 1.62
C HIS A 173 -5.72 4.83 3.04
N VAL A 174 -4.51 4.27 3.27
CA VAL A 174 -3.74 4.50 4.48
C VAL A 174 -2.41 5.16 4.11
N SER A 175 -2.03 6.19 4.88
CA SER A 175 -0.72 6.82 4.70
C SER A 175 0.42 5.95 5.22
N ASN A 176 1.52 5.87 4.45
CA ASN A 176 2.62 5.00 4.81
C ASN A 176 3.51 5.70 5.85
N VAL A 177 3.26 6.98 6.11
CA VAL A 177 4.10 7.72 7.03
C VAL A 177 3.27 8.05 8.28
N LEU A 178 2.04 8.54 8.08
CA LEU A 178 1.25 9.07 9.19
C LEU A 178 0.33 8.02 9.82
N GLY A 179 0.01 6.92 9.10
CA GLY A 179 -0.90 5.87 9.55
C GLY A 179 -2.39 6.26 9.53
N THR A 180 -2.64 7.46 8.99
CA THR A 180 -3.98 8.00 8.81
C THR A 180 -4.75 7.12 7.83
N VAL A 181 -5.97 6.74 8.20
CA VAL A 181 -6.90 6.09 7.32
C VAL A 181 -7.85 7.11 6.72
N ASN A 182 -7.71 7.38 5.43
CA ASN A 182 -8.45 8.41 4.72
C ASN A 182 -9.90 8.01 4.49
N PRO A 183 -10.84 8.97 4.54
CA PRO A 183 -12.27 8.60 4.44
C PRO A 183 -12.62 8.37 2.98
N ILE A 184 -12.25 7.19 2.44
CA ILE A 184 -12.24 7.13 0.97
C ILE A 184 -13.65 6.94 0.42
N LYS A 185 -14.51 6.23 1.16
CA LYS A 185 -15.90 6.04 0.79
C LYS A 185 -16.60 7.38 0.58
N GLU A 186 -16.34 8.31 1.52
CA GLU A 186 -16.95 9.63 1.43
C GLU A 186 -16.31 10.43 0.29
N MET A 187 -14.98 10.40 0.19
CA MET A 187 -14.34 11.05 -0.92
C MET A 187 -14.88 10.50 -2.24
N ALA A 188 -15.29 9.22 -2.27
CA ALA A 188 -15.78 8.75 -3.57
C ALA A 188 -17.03 9.54 -3.95
N LYS A 189 -17.95 9.69 -2.97
CA LYS A 189 -19.20 10.42 -3.10
C LYS A 189 -18.92 11.85 -3.61
N ILE A 190 -17.94 12.51 -2.97
CA ILE A 190 -17.63 13.89 -3.31
C ILE A 190 -17.07 13.97 -4.72
N ALA A 191 -16.28 12.97 -5.14
CA ALA A 191 -15.74 13.00 -6.49
C ALA A 191 -16.83 12.79 -7.51
N HIS A 192 -17.80 11.94 -7.15
CA HIS A 192 -18.81 11.57 -8.14
C HIS A 192 -19.74 12.78 -8.35
N ASP A 193 -20.26 13.32 -7.23
CA ASP A 193 -21.04 14.56 -7.22
C ASP A 193 -20.42 15.61 -8.13
N ASN A 194 -19.08 15.67 -8.25
CA ASN A 194 -18.49 16.68 -9.12
C ASN A 194 -18.18 16.22 -10.54
N GLY A 195 -18.45 14.94 -10.90
CA GLY A 195 -18.14 14.41 -12.23
C GLY A 195 -16.75 13.78 -12.38
N ALA A 196 -16.13 13.39 -11.26
CA ALA A 196 -14.79 12.83 -11.24
C ALA A 196 -14.74 11.33 -10.88
N VAL A 197 -13.66 10.65 -11.33
CA VAL A 197 -13.38 9.34 -10.77
C VAL A 197 -12.41 9.47 -9.60
N ILE A 198 -12.51 8.50 -8.68
CA ILE A 198 -11.50 8.40 -7.65
C ILE A 198 -10.56 7.22 -7.89
N VAL A 199 -9.26 7.43 -7.66
CA VAL A 199 -8.18 6.45 -7.73
C VAL A 199 -7.64 6.26 -6.31
N VAL A 200 -7.72 5.03 -5.80
CA VAL A 200 -7.26 4.78 -4.44
C VAL A 200 -6.03 3.90 -4.45
N ASP A 201 -4.99 4.37 -3.76
CA ASP A 201 -3.78 3.58 -3.47
C ASP A 201 -4.01 2.84 -2.16
N GLY A 202 -4.32 1.53 -2.26
CA GLY A 202 -4.59 0.66 -1.13
C GLY A 202 -3.42 -0.26 -0.73
N ALA A 203 -2.19 0.13 -1.09
CA ALA A 203 -0.98 -0.66 -0.74
C ALA A 203 -0.91 -0.94 0.76
N GLN A 204 -1.20 0.12 1.56
CA GLN A 204 -1.08 0.02 3.01
C GLN A 204 -2.43 -0.32 3.66
N SER A 205 -3.57 -0.38 2.94
CA SER A 205 -4.80 -0.76 3.63
C SER A 205 -5.11 -2.25 3.52
N THR A 206 -4.98 -2.79 2.30
CA THR A 206 -5.39 -4.13 1.95
C THR A 206 -4.78 -5.17 2.87
N PRO A 207 -3.49 -5.15 3.31
CA PRO A 207 -3.03 -6.25 4.16
C PRO A 207 -3.74 -6.31 5.53
N HIS A 208 -4.43 -5.24 5.95
CA HIS A 208 -4.75 -5.07 7.36
C HIS A 208 -6.24 -5.01 7.65
N MET A 209 -7.08 -4.87 6.62
CA MET A 209 -8.50 -4.72 6.87
C MET A 209 -9.28 -5.17 5.64
N LYS A 210 -10.53 -5.67 5.80
CA LYS A 210 -11.41 -5.96 4.69
C LYS A 210 -11.46 -4.81 3.67
N ILE A 211 -11.37 -5.15 2.37
CA ILE A 211 -11.63 -4.17 1.34
C ILE A 211 -12.89 -4.62 0.58
N ASP A 212 -13.83 -3.69 0.38
CA ASP A 212 -15.00 -4.02 -0.43
C ASP A 212 -15.16 -2.93 -1.47
N VAL A 213 -14.74 -3.20 -2.72
CA VAL A 213 -14.67 -2.08 -3.65
C VAL A 213 -16.08 -1.62 -4.04
N GLN A 214 -17.12 -2.40 -3.69
CA GLN A 214 -18.45 -1.97 -4.13
C GLN A 214 -18.97 -0.90 -3.14
N ASP A 215 -18.84 -1.20 -1.84
CA ASP A 215 -19.14 -0.27 -0.80
C ASP A 215 -18.27 0.97 -0.85
N LEU A 216 -16.98 0.83 -1.20
CA LEU A 216 -16.17 2.01 -1.21
C LEU A 216 -16.52 2.81 -2.46
N ASP A 217 -16.95 2.10 -3.50
CA ASP A 217 -17.31 2.72 -4.77
C ASP A 217 -16.10 3.46 -5.36
N CYS A 218 -14.88 3.04 -5.07
CA CYS A 218 -13.72 3.57 -5.78
C CYS A 218 -13.74 3.12 -7.23
N ASP A 219 -13.08 3.93 -8.06
CA ASP A 219 -13.14 3.69 -9.49
C ASP A 219 -11.96 2.85 -9.89
N PHE A 220 -10.87 3.01 -9.13
CA PHE A 220 -9.66 2.24 -9.27
C PHE A 220 -9.12 2.05 -7.89
N PHE A 221 -8.52 0.88 -7.67
CA PHE A 221 -7.96 0.50 -6.38
C PHE A 221 -6.74 -0.38 -6.67
N ALA A 222 -5.63 -0.10 -6.00
CA ALA A 222 -4.34 -0.76 -6.25
C ALA A 222 -3.81 -1.35 -4.94
N LEU A 223 -3.37 -2.63 -4.98
CA LEU A 223 -2.85 -3.30 -3.78
C LEU A 223 -1.54 -3.99 -4.17
N SER A 224 -0.68 -4.21 -3.18
CA SER A 224 0.67 -4.76 -3.34
C SER A 224 0.72 -6.13 -2.65
N SER A 225 1.12 -7.17 -3.39
CA SER A 225 1.09 -8.51 -2.83
C SER A 225 2.12 -8.69 -1.71
N HIS A 226 3.26 -7.98 -1.80
CA HIS A 226 4.31 -8.35 -0.85
C HIS A 226 4.03 -7.67 0.50
N LYS A 227 2.91 -6.90 0.58
CA LYS A 227 2.69 -6.29 1.88
C LYS A 227 1.71 -7.16 2.63
N MET A 228 1.19 -8.17 1.89
CA MET A 228 0.07 -8.90 2.49
C MET A 228 0.37 -10.40 2.49
N CYS A 229 1.64 -10.77 2.77
CA CYS A 229 2.04 -12.16 2.96
C CYS A 229 2.24 -12.86 1.61
N GLY A 230 2.17 -12.10 0.50
CA GLY A 230 2.39 -12.73 -0.79
C GLY A 230 3.78 -12.43 -1.35
N PRO A 231 4.10 -13.03 -2.52
CA PRO A 231 5.44 -12.82 -3.14
C PRO A 231 5.60 -11.37 -3.64
N THR A 232 6.82 -10.94 -3.91
CA THR A 232 6.90 -9.62 -4.53
C THR A 232 6.82 -9.79 -6.04
N GLY A 233 6.94 -8.69 -6.81
CA GLY A 233 6.75 -8.72 -8.25
C GLY A 233 5.28 -8.68 -8.67
N VAL A 234 4.35 -8.56 -7.71
CA VAL A 234 2.98 -8.67 -8.18
C VAL A 234 2.09 -7.66 -7.42
N GLY A 235 1.41 -6.86 -8.23
CA GLY A 235 0.34 -6.01 -7.80
C GLY A 235 -0.95 -6.36 -8.52
N VAL A 236 -2.04 -5.86 -7.96
CA VAL A 236 -3.35 -5.86 -8.58
C VAL A 236 -3.86 -4.41 -8.71
N LEU A 237 -4.29 -4.11 -9.93
CA LEU A 237 -5.08 -2.93 -10.24
C LEU A 237 -6.54 -3.36 -10.47
N TYR A 238 -7.43 -2.92 -9.59
CA TYR A 238 -8.87 -2.95 -9.78
C TYR A 238 -9.28 -1.65 -10.48
N GLY A 239 -10.13 -1.80 -11.48
CA GLY A 239 -10.91 -0.71 -12.08
C GLY A 239 -12.33 -1.18 -12.45
N LYS A 240 -13.31 -0.28 -12.33
CA LYS A 240 -14.66 -0.54 -12.83
C LYS A 240 -14.65 -1.05 -14.26
N LYS A 241 -15.40 -2.12 -14.54
CA LYS A 241 -15.35 -2.66 -15.89
C LYS A 241 -15.45 -1.56 -16.96
N ALA A 242 -16.40 -0.60 -16.76
CA ALA A 242 -16.82 0.31 -17.83
C ALA A 242 -15.69 1.28 -18.18
N LEU A 243 -14.90 1.67 -17.17
CA LEU A 243 -13.73 2.56 -17.31
C LEU A 243 -12.63 1.83 -18.08
N LEU A 244 -12.41 0.55 -17.70
CA LEU A 244 -11.36 -0.29 -18.25
C LEU A 244 -11.64 -0.55 -19.74
N GLU A 245 -12.91 -0.84 -20.06
CA GLU A 245 -13.35 -1.03 -21.45
C GLU A 245 -12.89 0.12 -22.36
N ASN A 246 -12.93 1.38 -21.92
CA ASN A 246 -12.55 2.46 -22.81
C ASN A 246 -11.07 2.84 -22.73
N MET A 247 -10.34 2.38 -21.72
CA MET A 247 -8.92 2.68 -21.64
C MET A 247 -8.16 1.86 -22.69
N GLU A 248 -7.19 2.51 -23.31
CA GLU A 248 -6.26 1.81 -24.20
C GLU A 248 -5.12 1.23 -23.37
N PRO A 249 -4.54 0.11 -23.78
CA PRO A 249 -3.43 -0.48 -23.03
C PRO A 249 -2.22 0.42 -22.81
N ALA A 250 -1.38 0.12 -21.77
CA ALA A 250 -0.20 0.95 -21.55
C ALA A 250 1.06 0.32 -22.10
N GLU A 251 0.97 -0.98 -22.35
CA GLU A 251 2.11 -1.83 -22.66
C GLU A 251 1.59 -2.80 -23.72
N PHE A 252 2.50 -3.28 -24.60
CA PHE A 252 2.10 -4.09 -25.75
C PHE A 252 3.05 -5.25 -25.89
N GLY A 253 2.49 -6.41 -26.19
CA GLY A 253 3.29 -7.61 -26.41
C GLY A 253 2.54 -8.82 -25.92
N GLY A 254 3.30 -9.91 -25.77
CA GLY A 254 2.85 -11.14 -25.14
C GLY A 254 1.43 -11.50 -25.52
N GLU A 255 0.57 -11.38 -24.51
CA GLU A 255 -0.61 -12.21 -24.66
C GLU A 255 -1.86 -11.38 -24.53
N MET A 256 -1.66 -10.07 -24.65
CA MET A 256 -2.76 -9.13 -24.56
C MET A 256 -3.38 -8.94 -25.96
N ILE A 257 -2.86 -9.65 -26.97
CA ILE A 257 -3.31 -9.52 -28.35
C ILE A 257 -4.27 -10.64 -28.75
N ASP A 258 -5.22 -10.24 -29.56
CA ASP A 258 -6.10 -11.15 -30.25
C ASP A 258 -5.49 -11.43 -31.63
N PHE A 259 -5.66 -10.52 -32.58
CA PHE A 259 -4.99 -10.67 -33.87
C PHE A 259 -3.84 -9.67 -33.96
N VAL A 260 -2.68 -10.14 -34.38
CA VAL A 260 -1.55 -9.29 -34.73
C VAL A 260 -1.49 -9.22 -36.24
N GLY A 261 -1.76 -8.06 -36.85
CA GLY A 261 -1.54 -7.84 -38.28
C GLY A 261 -0.11 -7.43 -38.59
N LEU A 262 0.10 -6.78 -39.73
CA LEU A 262 1.43 -6.25 -40.01
C LEU A 262 1.49 -4.82 -39.49
N TYR A 263 0.35 -4.11 -39.57
CA TYR A 263 0.36 -2.70 -39.19
C TYR A 263 -0.51 -2.45 -37.96
N GLU A 264 -1.51 -3.34 -37.76
CA GLU A 264 -2.69 -3.10 -36.95
C GLU A 264 -2.89 -4.39 -36.16
N SER A 265 -3.28 -4.28 -34.87
CA SER A 265 -3.49 -5.43 -34.01
C SER A 265 -4.77 -5.20 -33.25
N THR A 266 -5.43 -6.29 -32.83
CA THR A 266 -6.54 -6.15 -31.90
C THR A 266 -6.18 -6.69 -30.52
N TRP A 267 -6.71 -6.07 -29.48
CA TRP A 267 -6.48 -6.52 -28.08
C TRP A 267 -7.41 -7.67 -27.65
N LYS A 268 -6.96 -8.44 -26.68
CA LYS A 268 -7.90 -9.33 -26.03
C LYS A 268 -8.95 -8.55 -25.23
N GLU A 269 -9.96 -9.28 -24.74
CA GLU A 269 -10.92 -8.76 -23.79
C GLU A 269 -10.25 -8.50 -22.43
N LEU A 270 -10.94 -7.75 -21.56
CA LEU A 270 -10.54 -7.67 -20.18
C LEU A 270 -10.60 -9.03 -19.48
N PRO A 271 -9.66 -9.30 -18.54
CA PRO A 271 -8.65 -8.31 -18.13
C PRO A 271 -7.37 -8.36 -18.93
N TRP A 272 -7.27 -9.31 -19.88
CA TRP A 272 -5.97 -9.60 -20.46
C TRP A 272 -5.43 -8.46 -21.34
N LYS A 273 -6.31 -7.60 -21.86
CA LYS A 273 -5.91 -6.35 -22.51
C LYS A 273 -4.75 -5.66 -21.78
N PHE A 274 -4.79 -5.69 -20.43
CA PHE A 274 -3.86 -4.89 -19.64
C PHE A 274 -2.62 -5.66 -19.18
N GLU A 275 -2.45 -6.93 -19.60
CA GLU A 275 -1.33 -7.73 -19.10
C GLU A 275 -0.37 -8.05 -20.26
N ALA A 276 0.51 -7.13 -20.66
CA ALA A 276 1.43 -7.38 -21.77
C ALA A 276 2.52 -8.35 -21.35
N GLY A 277 3.10 -9.10 -22.28
CA GLY A 277 4.16 -9.98 -21.78
C GLY A 277 3.76 -11.07 -20.77
N THR A 278 4.74 -11.61 -20.06
CA THR A 278 4.75 -13.04 -19.87
C THR A 278 4.10 -13.29 -18.53
N PRO A 279 2.99 -14.05 -18.49
CA PRO A 279 2.12 -14.06 -17.30
C PRO A 279 2.90 -14.46 -16.06
N ILE A 280 2.63 -13.75 -14.93
CA ILE A 280 3.34 -13.91 -13.67
C ILE A 280 2.65 -15.03 -12.88
N ILE A 281 2.80 -16.30 -13.32
CA ILE A 281 1.95 -17.40 -12.86
C ILE A 281 2.17 -17.69 -11.37
N ALA A 282 3.44 -17.90 -11.02
CA ALA A 282 3.82 -18.26 -9.68
C ALA A 282 3.42 -17.14 -8.69
N GLY A 283 3.72 -15.89 -9.07
CA GLY A 283 3.37 -14.73 -8.29
C GLY A 283 1.87 -14.65 -8.01
N ALA A 284 1.04 -14.88 -9.02
CA ALA A 284 -0.40 -14.76 -8.79
C ALA A 284 -0.88 -15.90 -7.87
N ILE A 285 -0.45 -17.12 -8.17
CA ILE A 285 -0.85 -18.28 -7.39
C ILE A 285 -0.41 -18.08 -5.94
N GLY A 286 0.74 -17.38 -5.76
CA GLY A 286 1.30 -17.09 -4.45
C GLY A 286 0.45 -16.10 -3.67
N LEU A 287 0.06 -15.02 -4.38
CA LEU A 287 -0.86 -14.03 -3.85
C LEU A 287 -2.17 -14.70 -3.44
N GLY A 288 -2.63 -15.67 -4.20
CA GLY A 288 -3.86 -16.38 -3.90
C GLY A 288 -3.72 -17.18 -2.62
N ALA A 289 -2.59 -17.82 -2.43
CA ALA A 289 -2.37 -18.58 -1.22
C ALA A 289 -2.28 -17.62 -0.02
N ALA A 290 -1.64 -16.45 -0.20
CA ALA A 290 -1.56 -15.43 0.83
C ALA A 290 -2.98 -15.01 1.24
N ILE A 291 -3.87 -14.81 0.23
CA ILE A 291 -5.26 -14.48 0.46
C ILE A 291 -5.99 -15.58 1.24
N ASP A 292 -5.80 -16.85 0.84
CA ASP A 292 -6.35 -18.00 1.53
C ASP A 292 -5.97 -17.96 3.01
N PHE A 293 -4.69 -17.61 3.26
CA PHE A 293 -4.14 -17.58 4.60
C PHE A 293 -4.78 -16.49 5.45
N LEU A 294 -4.75 -15.26 4.93
CA LEU A 294 -5.29 -14.14 5.68
C LEU A 294 -6.77 -14.38 5.92
N GLU A 295 -7.48 -14.98 4.98
CA GLU A 295 -8.92 -15.15 5.12
C GLU A 295 -9.23 -16.16 6.22
N GLU A 296 -8.43 -17.21 6.35
CA GLU A 296 -8.60 -18.23 7.36
C GLU A 296 -8.32 -17.64 8.75
N ILE A 297 -7.56 -16.54 8.86
CA ILE A 297 -7.34 -15.88 10.14
C ILE A 297 -8.47 -14.89 10.41
N GLY A 298 -9.04 -14.30 9.34
CA GLY A 298 -10.01 -13.21 9.42
C GLY A 298 -9.39 -11.80 9.46
N LEU A 299 -9.72 -10.95 8.45
CA LEU A 299 -9.09 -9.62 8.35
C LEU A 299 -9.51 -8.73 9.52
N ASP A 300 -10.76 -8.89 9.99
CA ASP A 300 -11.32 -8.20 11.15
C ASP A 300 -10.49 -8.53 12.39
N GLU A 301 -10.18 -9.81 12.58
CA GLU A 301 -9.34 -10.31 13.65
C GLU A 301 -7.95 -9.64 13.59
N ILE A 302 -7.38 -9.54 12.37
CA ILE A 302 -6.11 -8.90 12.14
C ILE A 302 -6.16 -7.41 12.52
N SER A 303 -7.21 -6.78 12.08
CA SER A 303 -7.37 -5.36 12.26
C SER A 303 -7.51 -5.03 13.75
N ARG A 304 -8.23 -5.88 14.50
CA ARG A 304 -8.36 -5.64 15.92
C ARG A 304 -7.01 -5.82 16.64
N HIS A 305 -6.22 -6.80 16.19
CA HIS A 305 -4.90 -7.00 16.75
C HIS A 305 -4.02 -5.76 16.52
N GLU A 306 -4.18 -5.15 15.35
CA GLU A 306 -3.35 -4.00 15.02
C GLU A 306 -3.82 -2.79 15.80
N HIS A 307 -5.12 -2.67 16.11
CA HIS A 307 -5.53 -1.50 16.89
C HIS A 307 -4.93 -1.57 18.30
N LYS A 308 -4.95 -2.76 18.90
CA LYS A 308 -4.33 -2.89 20.20
C LYS A 308 -2.88 -2.46 20.14
N LEU A 309 -2.12 -3.01 19.19
CA LEU A 309 -0.68 -2.72 19.10
C LEU A 309 -0.49 -1.21 18.89
N ALA A 310 -1.35 -0.58 18.10
CA ALA A 310 -1.07 0.79 17.76
C ALA A 310 -1.37 1.69 18.97
N ALA A 311 -2.43 1.33 19.73
CA ALA A 311 -2.81 2.18 20.87
C ALA A 311 -1.68 2.06 21.89
N TYR A 312 -1.23 0.81 22.03
CA TYR A 312 -0.18 0.48 22.97
C TYR A 312 1.10 1.22 22.59
N ALA A 313 1.42 1.21 21.30
CA ALA A 313 2.67 1.80 20.91
C ALA A 313 2.61 3.32 21.17
N LEU A 314 1.50 3.93 20.79
CA LEU A 314 1.42 5.38 20.93
C LEU A 314 1.49 5.78 22.39
N GLU A 315 0.84 5.01 23.28
CA GLU A 315 0.93 5.29 24.70
C GLU A 315 2.36 5.11 25.22
N ARG A 316 3.05 4.04 24.78
CA ARG A 316 4.35 3.84 25.39
C ARG A 316 5.34 4.85 24.84
N PHE A 317 5.14 5.33 23.61
CA PHE A 317 5.97 6.34 22.96
C PHE A 317 5.77 7.68 23.68
N ARG A 318 4.57 7.94 24.25
CA ARG A 318 4.34 9.19 24.97
C ARG A 318 5.15 9.21 26.28
N GLN A 319 5.62 8.04 26.72
CA GLN A 319 6.36 8.02 27.97
C GLN A 319 7.76 8.49 27.67
N LEU A 320 8.20 8.40 26.41
CA LEU A 320 9.59 8.70 26.09
C LEU A 320 9.77 10.20 25.92
N ASP A 321 10.83 10.71 26.57
CA ASP A 321 11.16 12.12 26.48
C ASP A 321 11.85 12.50 25.17
N GLY A 322 11.34 13.57 24.55
CA GLY A 322 11.94 14.08 23.34
C GLY A 322 12.02 13.00 22.24
N VAL A 323 10.90 12.28 22.06
CA VAL A 323 10.63 11.66 20.78
C VAL A 323 9.35 12.26 20.20
N THR A 324 9.40 12.73 18.97
CA THR A 324 8.16 13.15 18.32
C THR A 324 7.60 12.01 17.48
N VAL A 325 6.29 11.79 17.70
CA VAL A 325 5.46 10.97 16.85
C VAL A 325 4.64 11.83 15.91
N TYR A 326 4.46 11.34 14.66
CA TYR A 326 3.65 12.02 13.65
C TYR A 326 2.35 11.31 13.33
N GLY A 327 1.31 12.11 13.10
CA GLY A 327 0.02 11.58 12.66
C GLY A 327 -1.10 11.63 13.71
N PRO A 328 -2.26 11.06 13.42
CA PRO A 328 -3.36 11.13 14.39
C PRO A 328 -3.31 10.02 15.45
N GLU A 329 -4.22 10.08 16.43
CA GLU A 329 -4.40 9.04 17.41
C GLU A 329 -4.97 7.76 16.78
N GLU A 330 -6.10 7.88 16.07
CA GLU A 330 -6.70 6.79 15.32
C GLU A 330 -5.88 6.54 14.06
N ARG A 331 -5.44 5.29 13.90
CA ARG A 331 -4.39 5.01 12.93
C ARG A 331 -4.31 3.52 12.59
N ALA A 332 -3.75 3.29 11.41
CA ALA A 332 -3.34 1.93 11.05
C ALA A 332 -2.12 1.57 11.91
N GLY A 333 -1.62 0.37 11.70
CA GLY A 333 -0.64 -0.20 12.60
C GLY A 333 0.77 0.25 12.27
N LEU A 334 1.08 1.55 12.43
CA LEU A 334 2.42 2.06 12.20
C LEU A 334 2.61 3.38 12.92
N VAL A 335 3.85 3.59 13.42
CA VAL A 335 4.18 4.90 13.91
C VAL A 335 5.55 5.35 13.40
N THR A 336 5.53 6.58 12.87
CA THR A 336 6.67 7.32 12.36
C THR A 336 7.08 8.39 13.37
N PHE A 337 8.36 8.41 13.68
CA PHE A 337 8.82 9.30 14.77
C PHE A 337 10.26 9.75 14.51
N ASN A 338 10.74 10.63 15.41
CA ASN A 338 12.12 11.06 15.48
C ASN A 338 12.53 11.23 16.95
N LEU A 339 13.75 10.84 17.26
CA LEU A 339 14.40 11.25 18.51
C LEU A 339 14.87 12.70 18.37
N ASP A 340 14.48 13.57 19.29
CA ASP A 340 15.16 14.87 19.36
C ASP A 340 16.67 14.65 19.20
N ASP A 341 17.30 15.38 18.27
CA ASP A 341 18.75 15.48 18.27
C ASP A 341 19.42 14.34 17.52
N VAL A 342 18.73 13.21 17.31
CA VAL A 342 19.37 12.04 16.70
C VAL A 342 18.86 11.78 15.27
N HIS A 343 19.82 11.45 14.38
CA HIS A 343 19.51 11.16 12.99
C HIS A 343 18.78 9.81 12.88
N PRO A 344 17.63 9.71 12.14
CA PRO A 344 16.86 8.48 12.09
C PRO A 344 17.67 7.30 11.56
N HIS A 345 18.56 7.57 10.59
CA HIS A 345 19.48 6.56 10.09
C HIS A 345 20.27 5.98 11.28
N ASP A 346 20.62 6.83 12.25
CA ASP A 346 21.42 6.36 13.37
C ASP A 346 20.60 5.48 14.30
N VAL A 347 19.35 5.88 14.55
CA VAL A 347 18.41 5.09 15.33
C VAL A 347 18.28 3.69 14.74
N ALA A 348 18.07 3.69 13.41
CA ALA A 348 17.86 2.42 12.71
C ALA A 348 19.09 1.52 12.91
N THR A 349 20.28 2.12 12.73
CA THR A 349 21.53 1.40 12.97
C THR A 349 21.57 0.77 14.38
N VAL A 350 21.29 1.60 15.41
CA VAL A 350 21.46 1.06 16.76
C VAL A 350 20.44 -0.05 17.00
N LEU A 351 19.19 0.12 16.52
CA LEU A 351 18.15 -0.88 16.77
C LEU A 351 18.54 -2.15 16.02
N ASP A 352 19.19 -2.04 14.87
CA ASP A 352 19.64 -3.19 14.13
C ASP A 352 20.65 -3.99 14.97
N ALA A 353 21.60 -3.29 15.58
CA ALA A 353 22.54 -3.89 16.49
C ALA A 353 21.80 -4.77 17.51
N GLU A 354 20.55 -4.42 17.92
CA GLU A 354 19.80 -5.18 18.93
C GLU A 354 18.80 -6.19 18.34
N GLY A 355 18.84 -6.37 17.00
CA GLY A 355 17.90 -7.22 16.27
C GLY A 355 16.52 -6.61 16.04
N ILE A 356 16.37 -5.27 16.12
CA ILE A 356 15.07 -4.63 16.01
C ILE A 356 15.09 -3.99 14.65
N ALA A 357 14.11 -4.32 13.80
CA ALA A 357 14.17 -3.75 12.45
C ALA A 357 13.03 -2.78 12.20
N VAL A 358 13.39 -1.48 12.06
CA VAL A 358 12.53 -0.37 11.74
C VAL A 358 13.12 0.24 10.48
N ARG A 359 12.38 1.02 9.75
CA ARG A 359 12.97 1.67 8.61
C ARG A 359 13.12 3.18 8.83
N ALA A 360 14.24 3.73 8.35
CA ALA A 360 14.52 5.15 8.37
C ALA A 360 14.56 5.71 6.95
N GLY A 361 14.18 6.98 6.77
CA GLY A 361 14.22 7.55 5.43
C GLY A 361 13.09 8.54 5.25
N HIS A 362 12.74 8.86 4.00
CA HIS A 362 11.68 9.80 3.65
C HIS A 362 10.45 9.02 3.19
N HIS A 363 10.59 7.70 3.04
CA HIS A 363 9.45 6.82 2.75
C HIS A 363 8.75 7.21 1.45
N CYS A 364 9.53 7.70 0.48
CA CYS A 364 8.99 8.15 -0.80
C CYS A 364 7.85 9.13 -0.61
N ALA A 365 7.97 9.99 0.42
CA ALA A 365 6.99 11.02 0.71
C ALA A 365 7.71 12.36 0.89
N GLN A 366 8.48 12.78 -0.13
CA GLN A 366 9.29 13.98 0.08
C GLN A 366 8.47 15.21 0.46
N PRO A 367 7.43 15.55 -0.34
CA PRO A 367 6.48 16.62 0.04
C PRO A 367 6.03 16.56 1.51
N LEU A 368 5.62 15.37 1.95
CA LEU A 368 5.10 15.25 3.29
C LEU A 368 6.23 15.50 4.29
N MET A 369 7.44 15.00 4.03
CA MET A 369 8.58 15.24 4.90
C MET A 369 8.79 16.75 5.04
N LYS A 370 8.71 17.48 3.91
CA LYS A 370 8.90 18.93 3.96
C LYS A 370 7.80 19.57 4.81
N TRP A 371 6.57 19.05 4.70
CA TRP A 371 5.43 19.56 5.42
C TRP A 371 5.63 19.35 6.93
N LEU A 372 6.26 18.24 7.34
CA LEU A 372 6.45 17.99 8.77
C LEU A 372 7.71 18.69 9.27
N ASP A 373 8.49 19.26 8.33
CA ASP A 373 9.69 20.04 8.60
C ASP A 373 10.76 19.15 9.23
N VAL A 374 11.27 18.21 8.43
CA VAL A 374 12.09 17.08 8.84
C VAL A 374 12.75 16.59 7.54
N THR A 375 13.94 16.00 7.54
CA THR A 375 14.31 15.50 6.20
C THR A 375 14.06 14.00 6.11
N ALA A 376 13.79 13.40 7.27
CA ALA A 376 13.66 11.95 7.41
C ALA A 376 13.00 11.58 8.74
N THR A 377 12.59 10.32 8.86
CA THR A 377 11.93 9.80 10.04
C THR A 377 12.31 8.33 10.20
N ALA A 378 12.01 7.79 11.39
CA ALA A 378 12.06 6.35 11.55
C ALA A 378 10.63 5.82 11.60
N ARG A 379 10.48 4.55 11.24
CA ARG A 379 9.12 4.03 11.22
C ARG A 379 9.09 2.61 11.77
N ALA A 380 8.20 2.39 12.72
CA ALA A 380 7.95 1.02 13.12
C ALA A 380 6.54 0.72 12.64
N SER A 381 6.34 -0.48 12.08
CA SER A 381 5.07 -0.92 11.54
C SER A 381 4.79 -2.33 12.06
N PHE A 382 3.51 -2.66 12.21
CA PHE A 382 3.09 -3.85 12.95
C PHE A 382 2.22 -4.73 12.06
N TYR A 383 2.23 -6.04 12.27
CA TYR A 383 1.34 -6.88 11.49
C TYR A 383 0.80 -8.01 12.35
N LEU A 384 0.29 -9.05 11.70
CA LEU A 384 -0.46 -10.01 12.48
C LEU A 384 0.48 -10.80 13.40
N TYR A 385 1.80 -10.76 13.18
CA TYR A 385 2.68 -11.60 13.98
C TYR A 385 3.42 -10.79 15.07
N ASN A 386 3.17 -9.46 15.18
CA ASN A 386 3.83 -8.66 16.18
C ASN A 386 3.09 -8.71 17.54
N THR A 387 3.77 -8.33 18.62
CA THR A 387 3.21 -8.43 19.98
C THR A 387 3.60 -7.21 20.79
N GLU A 388 2.91 -7.02 21.92
CA GLU A 388 3.20 -5.95 22.87
C GLU A 388 4.62 -6.09 23.41
N GLU A 389 5.08 -7.34 23.58
CA GLU A 389 6.41 -7.56 24.12
C GLU A 389 7.47 -6.99 23.17
N GLU A 390 7.22 -7.08 21.83
CA GLU A 390 8.09 -6.48 20.83
C GLU A 390 8.04 -4.96 20.93
N ILE A 391 6.86 -4.40 21.17
CA ILE A 391 6.79 -2.95 21.34
C ILE A 391 7.61 -2.52 22.54
N ASP A 392 7.58 -3.31 23.62
CA ASP A 392 8.39 -3.01 24.80
C ASP A 392 9.87 -3.01 24.44
N LYS A 393 10.29 -4.02 23.66
CA LYS A 393 11.69 -4.04 23.27
C LYS A 393 12.05 -2.77 22.47
N LEU A 394 11.10 -2.27 21.71
CA LEU A 394 11.38 -1.11 20.88
C LEU A 394 11.53 0.11 21.80
N VAL A 395 10.59 0.25 22.76
CA VAL A 395 10.56 1.43 23.61
C VAL A 395 11.81 1.47 24.50
N GLU A 396 12.14 0.31 25.08
CA GLU A 396 13.35 0.19 25.90
C GLU A 396 14.59 0.56 25.09
N ALA A 397 14.66 0.05 23.82
CA ALA A 397 15.84 0.29 23.04
C ALA A 397 15.89 1.75 22.57
N LEU A 398 14.75 2.41 22.37
CA LEU A 398 14.72 3.82 22.06
C LEU A 398 15.24 4.64 23.23
N GLN A 399 14.87 4.22 24.47
CA GLN A 399 15.38 4.86 25.68
C GLN A 399 16.92 4.72 25.76
N LYS A 400 17.38 3.47 25.68
CA LYS A 400 18.79 3.13 25.68
C LYS A 400 19.50 3.99 24.62
N THR A 401 18.79 4.42 23.57
CA THR A 401 19.40 5.10 22.43
C THR A 401 19.50 6.60 22.73
N LYS A 402 18.45 7.15 23.39
CA LYS A 402 18.44 8.58 23.74
C LYS A 402 19.57 8.87 24.72
N GLU A 403 19.76 7.97 25.70
CA GLU A 403 20.87 8.06 26.66
C GLU A 403 22.22 7.94 25.95
N TYR A 404 22.34 6.88 25.13
CA TYR A 404 23.59 6.53 24.49
C TYR A 404 24.10 7.72 23.68
N PHE A 405 23.19 8.49 23.07
CA PHE A 405 23.59 9.62 22.24
C PHE A 405 23.69 10.95 22.97
N THR A 406 22.91 11.21 24.06
CA THR A 406 23.10 12.46 24.81
C THR A 406 24.48 12.46 25.47
N ASN A 407 25.15 11.29 25.43
CA ASN A 407 26.37 11.00 26.16
C ASN A 407 27.64 11.17 25.31
N VAL A 408 27.50 11.35 23.98
CA VAL A 408 28.68 11.48 23.15
C VAL A 408 29.10 12.97 23.14
OAV 9ZN B . 5.15 -0.50 -6.20
PAU 9ZN B . 4.87 -1.26 -4.86
OAX 9ZN B . 6.38 -1.41 -4.37
OAW 9ZN B . 4.14 -2.57 -4.96
OAT 9ZN B . 4.27 -0.26 -3.75
CAS 9ZN B . 4.89 1.00 -3.70
CAR 9ZN B . 4.13 1.66 -2.72
CAM 9ZN B . 2.98 2.28 -3.21
NAN 9ZN B . 2.12 2.93 -2.39
CAJ 9ZN B . 2.36 3.02 -1.07
CAQ 9ZN B . 1.46 3.74 -0.21
CAK 9ZN B . 3.51 2.43 -0.54
OAP 9ZN B . 3.67 2.56 0.82
CAL 9ZN B . 4.41 1.68 -1.34
CAO 9ZN B . 5.58 1.08 -0.86
N 9ZN B . 6.04 1.66 0.20
CA 9ZN B . 7.32 1.39 0.79
C 9ZN B . 7.23 1.68 2.28
OXT 9ZN B . 7.93 0.94 2.98
O 9ZN B . 6.47 2.59 2.72
CB 9ZN B . 8.26 2.36 0.03
CG2 9ZN B . 9.38 1.51 -0.58
CG1 9ZN B . 8.73 3.59 0.87
SG 9ZN B . 7.40 3.14 -1.29
#